data_3K44
#
_entry.id   3K44
#
_cell.length_a   63.168
_cell.length_b   62.544
_cell.length_c   64.479
_cell.angle_alpha   90.00
_cell.angle_beta   90.01
_cell.angle_gamma   90.00
#
_symmetry.space_group_name_H-M   'P 1 2 1'
#
loop_
_entity.id
_entity.type
_entity.pdbx_description
1 polymer 'Purine-rich binding protein-alpha, isoform B'
2 non-polymer 'CHLORIDE ION'
3 non-polymer 1,2-ETHANEDIOL
4 water water
#
_entity_poly.entity_id   1
_entity_poly.type   'polypeptide(L)'
_entity_poly.pdbx_seq_one_letter_code
;VEQELATKMLQIQSKRFYLDVKQNRRGRFIKVAEIGADGRRSQIYLALSTAAEFRDHLSSFSDYYASLGPPNTDNLPEDG
KLKSEMMIKDYRRYYLDLKENARGRFLRVSQTITRGGPRSQIALPAQGMIEFRDALTDLLEEFGAN
;
_entity_poly.pdbx_strand_id   A,B,C,D
#
# COMPACT_ATOMS: atom_id res chain seq x y z
N GLU A 2 30.85 32.72 25.59
CA GLU A 2 29.73 31.75 25.60
C GLU A 2 30.29 30.33 25.73
N GLN A 3 30.01 29.68 26.85
CA GLN A 3 30.55 28.34 27.08
C GLN A 3 29.51 27.22 26.94
N GLU A 4 29.94 26.12 26.33
CA GLU A 4 29.11 24.95 26.12
C GLU A 4 29.37 23.91 27.24
N LEU A 5 28.40 23.67 28.11
CA LEU A 5 28.52 22.78 29.28
C LEU A 5 28.30 21.28 29.00
N ALA A 6 27.39 20.95 28.08
CA ALA A 6 27.08 19.55 27.68
C ALA A 6 26.31 19.51 26.35
N THR A 7 26.40 18.38 25.64
CA THR A 7 25.60 18.16 24.44
C THR A 7 25.01 16.77 24.40
N LYS A 8 23.81 16.67 23.84
CA LYS A 8 23.15 15.40 23.56
C LYS A 8 22.70 15.49 22.12
N MET A 9 22.90 14.40 21.38
CA MET A 9 22.46 14.30 19.99
C MET A 9 21.48 13.14 19.89
N LEU A 10 20.35 13.37 19.20
CA LEU A 10 19.33 12.35 19.04
C LEU A 10 19.03 12.20 17.55
N GLN A 11 18.90 10.96 17.10
CA GLN A 11 18.43 10.72 15.75
CA GLN A 11 18.44 10.66 15.76
C GLN A 11 17.02 10.15 15.80
N ILE A 12 16.10 10.89 15.19
CA ILE A 12 14.69 10.56 15.31
C ILE A 12 14.04 10.58 13.93
N GLN A 13 13.45 9.46 13.52
CA GLN A 13 12.78 9.31 12.20
C GLN A 13 13.43 10.10 11.05
N SER A 14 14.71 9.90 10.78
CA SER A 14 15.40 10.73 9.74
C SER A 14 15.81 12.20 10.06
N LYS A 15 15.43 12.77 11.21
CA LYS A 15 16.01 14.06 11.63
C LYS A 15 17.08 13.93 12.70
N ARG A 16 17.83 14.99 12.93
CA ARG A 16 18.70 15.04 14.07
C ARG A 16 18.25 16.18 14.95
N PHE A 17 18.40 15.99 16.26
CA PHE A 17 18.24 17.07 17.23
C PHE A 17 19.45 17.20 18.12
N TYR A 18 19.83 18.45 18.43
CA TYR A 18 20.95 18.71 19.35
C TYR A 18 20.43 19.48 20.54
N LEU A 19 20.73 18.98 21.74
CA LEU A 19 20.42 19.65 23.00
C LEU A 19 21.73 20.09 23.65
N ASP A 20 21.98 21.40 23.64
CA ASP A 20 23.20 21.96 24.20
C ASP A 20 22.90 22.77 25.45
N VAL A 21 23.51 22.41 26.57
CA VAL A 21 23.46 23.26 27.79
C VAL A 21 24.61 24.27 27.65
N LYS A 22 24.26 25.55 27.79
CA LYS A 22 25.16 26.65 27.50
C LYS A 22 25.08 27.70 28.56
N GLN A 23 26.08 28.57 28.57
CA GLN A 23 26.19 29.62 29.56
C GLN A 23 26.84 30.85 28.94
N ASN A 24 26.25 32.02 29.17
CA ASN A 24 26.90 33.30 28.92
C ASN A 24 26.52 34.35 29.99
N ARG A 25 26.80 35.62 29.76
CA ARG A 25 26.55 36.63 30.81
C ARG A 25 25.05 36.86 31.10
N ARG A 26 24.20 36.31 30.23
CA ARG A 26 22.77 36.30 30.45
C ARG A 26 22.26 35.01 31.09
N GLY A 27 23.17 34.19 31.58
CA GLY A 27 22.79 33.02 32.34
C GLY A 27 22.92 31.73 31.58
N ARG A 28 22.44 30.67 32.20
CA ARG A 28 22.43 29.32 31.69
C ARG A 28 21.11 28.97 30.99
N PHE A 29 21.19 28.15 29.94
CA PHE A 29 20.02 27.81 29.13
C PHE A 29 20.30 26.56 28.32
N ILE A 30 19.23 26.00 27.75
CA ILE A 30 19.31 24.88 26.80
C ILE A 30 18.89 25.35 25.42
N LYS A 31 19.78 25.16 24.45
CA LYS A 31 19.47 25.35 23.05
C LYS A 31 19.11 24.01 22.45
N VAL A 32 18.02 23.98 21.69
CA VAL A 32 17.60 22.77 20.98
C VAL A 32 17.57 23.13 19.50
N ALA A 33 18.39 22.43 18.73
CA ALA A 33 18.51 22.65 17.31
C ALA A 33 17.99 21.43 16.59
N GLU A 34 17.32 21.64 15.47
CA GLU A 34 16.75 20.55 14.67
C GLU A 34 17.31 20.59 13.27
N ILE A 35 17.64 19.42 12.74
CA ILE A 35 17.92 19.25 11.32
C ILE A 35 16.77 18.44 10.72
N GLY A 36 16.00 19.09 9.83
CA GLY A 36 14.83 18.48 9.16
C GLY A 36 15.12 17.28 8.27
N ALA A 37 14.08 16.48 8.00
CA ALA A 37 14.18 15.38 7.04
C ALA A 37 14.64 15.85 5.65
N ASP A 38 14.30 17.11 5.33
CA ASP A 38 14.70 17.81 4.10
C ASP A 38 15.97 18.67 4.25
N GLY A 39 16.52 18.72 5.47
CA GLY A 39 17.71 19.50 5.75
C GLY A 39 17.50 20.85 6.43
N ARG A 40 16.25 21.31 6.49
CA ARG A 40 15.90 22.60 7.09
C ARG A 40 16.37 22.77 8.57
N ARG A 41 17.06 23.86 8.88
CA ARG A 41 17.62 24.07 10.21
C ARG A 41 16.71 25.01 10.98
N SER A 42 16.44 24.69 12.24
CA SER A 42 15.79 25.63 13.17
C SER A 42 16.13 25.33 14.65
N GLN A 43 15.92 26.33 15.51
CA GLN A 43 16.34 26.26 16.92
C GLN A 43 15.35 26.94 17.87
N ILE A 44 15.27 26.44 19.09
CA ILE A 44 14.63 27.17 20.17
C ILE A 44 15.53 27.21 21.41
N TYR A 45 15.21 28.11 22.34
CA TYR A 45 16.04 28.29 23.54
C TYR A 45 15.15 28.26 24.76
N LEU A 46 15.61 27.56 25.80
CA LEU A 46 14.84 27.29 27.00
C LEU A 46 15.65 27.66 28.28
N ALA A 47 15.07 28.42 29.19
CA ALA A 47 15.59 28.48 30.53
C ALA A 47 15.47 27.09 31.16
N LEU A 48 16.28 26.80 32.16
CA LEU A 48 16.27 25.46 32.77
C LEU A 48 14.97 25.10 33.52
N SER A 49 14.28 26.13 34.00
CA SER A 49 13.00 25.94 34.65
C SER A 49 11.94 25.56 33.59
N THR A 50 11.94 26.22 32.44
CA THR A 50 11.03 25.84 31.34
C THR A 50 11.35 24.41 30.81
N ALA A 51 12.62 24.03 30.80
CA ALA A 51 13.04 22.73 30.26
C ALA A 51 12.50 21.63 31.16
N ALA A 52 12.41 21.92 32.46
CA ALA A 52 11.84 20.98 33.47
C ALA A 52 10.34 20.82 33.30
N GLU A 53 9.68 21.94 33.06
CA GLU A 53 8.25 21.95 32.74
C GLU A 53 7.94 21.22 31.41
N PHE A 54 8.77 21.44 30.39
CA PHE A 54 8.67 20.78 29.10
C PHE A 54 8.82 19.26 29.26
N ARG A 55 9.82 18.86 30.05
CA ARG A 55 10.13 17.48 30.38
C ARG A 55 8.91 16.77 30.99
N ASP A 56 8.24 17.44 31.92
CA ASP A 56 6.98 16.93 32.50
C ASP A 56 5.86 16.83 31.47
N HIS A 57 5.68 17.84 30.63
CA HIS A 57 4.66 17.72 29.57
C HIS A 57 4.91 16.52 28.65
N LEU A 58 6.17 16.20 28.41
CA LEU A 58 6.52 15.14 27.48
C LEU A 58 5.98 13.76 27.93
N SER A 59 6.00 13.50 29.24
CA SER A 59 5.46 12.26 29.79
C SER A 59 3.98 12.18 29.46
N SER A 60 3.28 13.30 29.61
CA SER A 60 1.87 13.35 29.35
C SER A 60 1.54 13.25 27.86
N PHE A 61 2.33 13.92 27.01
CA PHE A 61 2.09 13.82 25.56
C PHE A 61 2.34 12.36 25.06
N SER A 62 3.29 11.69 25.70
CA SER A 62 3.63 10.30 25.41
C SER A 62 2.48 9.32 25.66
N ASP A 63 1.82 9.43 26.81
CA ASP A 63 0.65 8.61 27.17
C ASP A 63 -0.45 8.84 26.20
N TYR A 64 -0.64 10.10 25.82
CA TYR A 64 -1.68 10.42 24.86
C TYR A 64 -1.38 9.78 23.48
N TYR A 65 -0.14 9.94 23.03
CA TYR A 65 0.34 9.36 21.77
C TYR A 65 0.12 7.83 21.70
N ALA A 66 0.50 7.13 22.75
CA ALA A 66 0.42 5.68 22.84
C ALA A 66 -1.04 5.16 22.86
N SER A 67 -1.97 6.02 23.27
CA SER A 67 -3.39 5.65 23.33
C SER A 67 -4.09 5.79 22.00
N LEU A 68 -3.42 6.38 21.00
CA LEU A 68 -4.11 6.73 19.76
C LEU A 68 -4.44 5.59 18.77
N GLY A 69 -3.56 4.59 18.69
CA GLY A 69 -3.61 3.61 17.60
C GLY A 69 -3.34 4.24 16.23
N PRO A 70 -3.50 3.47 15.15
CA PRO A 70 -3.23 4.03 13.83
C PRO A 70 -4.25 5.11 13.39
N PRO A 71 -3.88 5.93 12.39
CA PRO A 71 -4.93 6.74 11.76
C PRO A 71 -5.98 5.91 11.03
N ASN A 72 -7.20 6.41 11.21
CA ASN A 72 -8.04 7.13 10.20
C ASN A 72 -8.89 6.47 9.11
N THR A 73 -10.15 6.06 9.37
CA THR A 73 -11.28 6.88 9.90
C THR A 73 -11.59 8.06 8.98
N ASP A 74 -10.65 9.02 8.98
CA ASP A 74 -10.51 10.14 8.04
C ASP A 74 -11.01 11.50 8.59
N ASN A 75 -11.17 11.59 9.91
CA ASN A 75 -11.60 12.84 10.53
C ASN A 75 -10.61 13.43 11.53
N LEU A 76 -9.76 14.34 11.04
CA LEU A 76 -8.92 15.18 11.91
C LEU A 76 -9.60 16.53 12.14
N PRO A 77 -9.29 17.19 13.28
CA PRO A 77 -9.60 18.62 13.44
C PRO A 77 -9.02 19.48 12.31
N GLU A 78 -9.77 20.47 11.84
CA GLU A 78 -9.35 21.31 10.70
C GLU A 78 -7.89 21.83 10.77
N ASP A 79 -7.42 22.19 11.97
CA ASP A 79 -6.06 22.77 12.10
C ASP A 79 -4.95 21.70 12.24
N GLY A 80 -5.31 20.54 12.76
CA GLY A 80 -4.45 19.36 12.72
C GLY A 80 -4.07 18.89 14.09
N LYS A 81 -4.54 19.62 15.11
CA LYS A 81 -4.03 19.48 16.48
C LYS A 81 -4.87 18.63 17.41
N LEU A 82 -4.18 17.72 18.10
CA LEU A 82 -4.78 16.67 18.89
C LEU A 82 -4.74 16.89 20.38
N LYS A 83 -3.67 17.54 20.86
CA LYS A 83 -3.46 17.85 22.26
C LYS A 83 -2.60 19.11 22.30
N SER A 84 -2.82 19.97 23.30
CA SER A 84 -2.11 21.26 23.40
C SER A 84 -1.77 21.64 24.83
N GLU A 85 -0.58 22.22 24.98
CA GLU A 85 -0.17 22.90 26.18
C GLU A 85 0.51 24.20 25.82
N MET A 86 0.74 25.01 26.85
CA MET A 86 1.37 26.29 26.71
C MET A 86 2.24 26.48 27.90
N MET A 87 3.47 26.95 27.67
CA MET A 87 4.36 27.29 28.77
C MET A 87 4.70 28.78 28.69
N ILE A 88 4.94 29.36 29.85
CA ILE A 88 5.17 30.79 30.01
C ILE A 88 6.47 31.02 30.74
N LYS A 89 7.28 31.94 30.23
CA LYS A 89 8.49 32.36 30.94
C LYS A 89 8.70 33.85 30.68
N ASP A 90 8.23 34.67 31.63
CA ASP A 90 8.21 36.13 31.51
C ASP A 90 7.51 36.59 30.23
N TYR A 91 8.28 37.08 29.27
CA TYR A 91 7.71 37.57 28.01
C TYR A 91 7.74 36.49 26.89
N ARG A 92 8.31 35.33 27.22
CA ARG A 92 8.39 34.23 26.27
C ARG A 92 7.21 33.28 26.44
N ARG A 93 6.54 32.95 25.33
CA ARG A 93 5.52 31.91 25.35
C ARG A 93 5.92 30.73 24.46
N TYR A 94 5.62 29.52 24.92
CA TYR A 94 5.89 28.28 24.19
C TYR A 94 4.61 27.46 23.97
N TYR A 95 4.23 27.26 22.71
CA TYR A 95 3.09 26.41 22.37
C TYR A 95 3.54 24.98 21.99
N LEU A 96 2.98 23.98 22.68
CA LEU A 96 3.24 22.59 22.45
C LEU A 96 1.98 21.96 21.86
N ASP A 97 2.02 21.70 20.54
CA ASP A 97 0.90 21.10 19.84
C ASP A 97 1.28 19.75 19.20
N LEU A 98 0.72 18.66 19.72
CA LEU A 98 0.75 17.35 19.03
C LEU A 98 -0.14 17.35 17.78
N LYS A 99 0.48 17.39 16.61
CA LYS A 99 -0.22 17.48 15.35
C LYS A 99 -0.16 16.14 14.58
N GLU A 100 -1.10 15.93 13.65
CA GLU A 100 -1.11 14.73 12.80
C GLU A 100 -1.25 15.08 11.33
N ASN A 101 -0.16 14.99 10.58
CA ASN A 101 -0.30 15.18 9.15
C ASN A 101 -0.10 13.93 8.32
N ALA A 102 0.00 14.12 7.02
CA ALA A 102 0.15 13.06 6.04
C ALA A 102 1.34 12.19 6.42
N ARG A 103 2.51 12.82 6.57
CA ARG A 103 3.74 12.14 7.00
C ARG A 103 3.69 11.46 8.40
N GLY A 104 2.79 11.88 9.29
CA GLY A 104 2.69 11.25 10.64
C GLY A 104 2.32 12.12 11.83
N ARG A 105 2.78 11.74 13.04
CA ARG A 105 2.52 12.53 14.24
C ARG A 105 3.77 13.21 14.76
N PHE A 106 3.63 14.49 15.12
CA PHE A 106 4.75 15.25 15.67
C PHE A 106 4.34 16.30 16.69
N LEU A 107 5.19 16.51 17.67
CA LEU A 107 5.00 17.58 18.59
C LEU A 107 5.66 18.87 18.07
N ARG A 108 4.84 19.83 17.61
CA ARG A 108 5.34 21.16 17.23
C ARG A 108 5.57 22.01 18.48
N VAL A 109 6.80 22.49 18.64
CA VAL A 109 7.06 23.46 19.71
C VAL A 109 7.52 24.83 19.22
N SER A 110 6.66 25.80 19.49
CA SER A 110 6.80 27.19 18.98
C SER A 110 7.16 28.12 20.11
N GLN A 111 8.21 28.90 19.87
CA GLN A 111 8.63 29.95 20.79
C GLN A 111 8.26 31.34 20.21
N THR A 112 7.55 32.12 21.01
CA THR A 112 7.17 33.48 20.64
C THR A 112 7.53 34.40 21.79
N ILE A 113 7.57 35.68 21.50
CA ILE A 113 7.75 36.62 22.57
C ILE A 113 6.48 37.51 22.62
N THR A 114 6.01 37.81 23.83
CA THR A 114 4.68 38.45 24.04
C THR A 114 4.29 39.57 23.06
N ARG A 115 5.19 40.54 22.91
CA ARG A 115 4.92 41.77 22.16
C ARG A 115 4.17 41.63 20.80
N GLY A 116 4.69 40.93 19.77
CA GLY A 116 5.81 39.99 19.86
C GLY A 116 7.20 40.34 19.37
N GLY A 117 7.66 39.62 18.33
CA GLY A 117 9.06 39.66 17.88
C GLY A 117 9.60 38.36 17.30
N PRO A 118 10.90 38.07 17.50
CA PRO A 118 11.47 36.86 16.84
C PRO A 118 10.82 35.55 17.31
N ARG A 119 10.22 34.83 16.37
CA ARG A 119 9.55 33.56 16.57
C ARG A 119 10.42 32.43 16.02
N SER A 120 10.12 31.18 16.40
CA SER A 120 10.75 29.99 15.82
C SER A 120 10.16 28.71 16.39
N GLN A 121 10.44 27.60 15.71
CA GLN A 121 9.86 26.32 16.08
C GLN A 121 10.76 25.12 15.77
N ILE A 122 10.53 24.03 16.49
CA ILE A 122 11.01 22.69 16.11
C ILE A 122 9.82 21.74 16.01
N ALA A 123 9.98 20.65 15.25
CA ALA A 123 8.90 19.66 15.07
C ALA A 123 9.45 18.26 15.39
N LEU A 124 9.07 17.74 16.53
CA LEU A 124 9.64 16.55 17.15
C LEU A 124 8.76 15.36 16.77
N PRO A 125 9.26 14.42 15.93
CA PRO A 125 8.40 13.27 15.64
C PRO A 125 7.95 12.60 16.94
N ALA A 126 6.67 12.28 17.04
CA ALA A 126 6.09 11.76 18.25
C ALA A 126 6.80 10.51 18.79
N GLN A 127 7.32 9.65 17.88
CA GLN A 127 8.10 8.46 18.30
C GLN A 127 9.31 8.85 19.14
N GLY A 128 9.77 10.10 19.01
CA GLY A 128 10.96 10.48 19.81
C GLY A 128 10.73 11.15 21.16
N MET A 129 9.47 11.28 21.60
CA MET A 129 9.19 12.10 22.81
C MET A 129 9.80 11.56 24.06
N ILE A 130 9.79 10.24 24.23
CA ILE A 130 10.47 9.63 25.39
C ILE A 130 12.00 9.81 25.36
N GLU A 131 12.64 9.65 24.20
CA GLU A 131 14.10 9.90 24.12
C GLU A 131 14.43 11.36 24.48
N PHE A 132 13.65 12.29 23.95
CA PHE A 132 13.86 13.71 24.22
C PHE A 132 13.66 13.99 25.72
N ARG A 133 12.49 13.60 26.24
CA ARG A 133 12.26 13.60 27.70
C ARG A 133 13.41 13.05 28.57
N ASP A 134 13.89 11.85 28.22
CA ASP A 134 14.99 11.27 29.00
C ASP A 134 16.28 12.06 28.85
N ALA A 135 16.56 12.60 27.68
CA ALA A 135 17.76 13.44 27.51
C ALA A 135 17.67 14.71 28.36
N LEU A 136 16.51 15.37 28.36
CA LEU A 136 16.25 16.51 29.25
C LEU A 136 16.45 16.17 30.72
N THR A 137 15.92 15.03 31.14
CA THR A 137 15.95 14.62 32.53
C THR A 137 17.38 14.51 33.00
N ASP A 138 18.28 14.02 32.17
CA ASP A 138 19.61 13.85 32.71
C ASP A 138 20.53 15.05 32.56
N LEU A 139 20.31 15.89 31.55
CA LEU A 139 20.91 17.25 31.56
C LEU A 139 20.43 18.03 32.82
N LEU A 140 19.15 17.91 33.16
CA LEU A 140 18.60 18.63 34.31
C LEU A 140 19.04 18.08 35.68
N GLU A 141 19.24 16.76 35.80
CA GLU A 141 19.78 16.11 37.02
C GLU A 141 21.10 16.76 37.39
N GLU A 142 21.97 16.86 36.38
CA GLU A 142 23.27 17.49 36.54
C GLU A 142 23.19 19.02 36.73
N PHE A 143 22.60 19.71 35.76
CA PHE A 143 22.71 21.18 35.71
C PHE A 143 21.57 22.04 36.33
N GLY A 144 20.40 21.46 36.61
CA GLY A 144 19.23 22.21 37.04
C GLY A 144 18.75 21.74 38.40
N ALA A 145 18.95 22.57 39.43
CA ALA A 145 18.78 22.21 40.86
C ALA A 145 17.34 22.13 41.38
N ASN A 146 16.44 22.90 40.77
CA ASN A 146 15.06 23.09 41.25
C ASN A 146 15.00 23.67 42.67
N GLU B 2 3.69 -16.59 -5.13
CA GLU B 2 3.79 -15.78 -3.88
C GLU B 2 3.32 -14.36 -4.12
N GLN B 3 2.19 -13.99 -3.51
CA GLN B 3 1.61 -12.68 -3.74
C GLN B 3 1.73 -11.73 -2.54
N GLU B 4 1.88 -10.44 -2.85
N GLU B 4 1.90 -10.44 -2.83
CA GLU B 4 2.00 -9.37 -1.85
CA GLU B 4 2.01 -9.41 -1.78
C GLU B 4 0.67 -8.67 -1.63
C GLU B 4 0.71 -8.66 -1.61
N LEU B 5 0.17 -8.74 -0.40
CA LEU B 5 -1.13 -8.15 -0.09
C LEU B 5 -1.09 -6.70 0.36
N ALA B 6 -0.05 -6.32 1.12
CA ALA B 6 0.15 -4.95 1.63
C ALA B 6 1.59 -4.75 2.13
N THR B 7 2.06 -3.49 2.13
CA THR B 7 3.37 -3.11 2.71
C THR B 7 3.25 -1.88 3.62
N LYS B 8 4.05 -1.86 4.69
CA LYS B 8 4.29 -0.69 5.53
C LYS B 8 5.78 -0.55 5.69
N MET B 9 6.25 0.70 5.63
CA MET B 9 7.67 0.98 5.75
C MET B 9 7.79 1.95 6.91
N LEU B 10 8.70 1.67 7.81
CA LEU B 10 8.93 2.52 8.96
C LEU B 10 10.41 2.92 8.99
N GLN B 11 10.68 4.19 9.31
CA GLN B 11 12.06 4.64 9.54
CA GLN B 11 12.03 4.70 9.54
C GLN B 11 12.19 4.96 11.03
N ILE B 12 13.08 4.21 11.67
CA ILE B 12 13.22 4.29 13.11
C ILE B 12 14.72 4.42 13.50
N GLN B 13 15.05 5.54 14.16
CA GLN B 13 16.43 5.86 14.60
C GLN B 13 17.51 5.45 13.60
N SER B 14 17.46 5.94 12.38
CA SER B 14 18.44 5.46 11.33
C SER B 14 18.32 4.03 10.74
N LYS B 15 17.38 3.20 11.19
CA LYS B 15 17.10 1.97 10.47
C LYS B 15 15.83 2.03 9.68
N ARG B 16 15.65 1.12 8.72
CA ARG B 16 14.37 0.94 8.04
C ARG B 16 13.80 -0.43 8.36
N PHE B 17 12.48 -0.50 8.50
CA PHE B 17 11.76 -1.75 8.62
C PHE B 17 10.65 -1.86 7.59
N TYR B 18 10.52 -3.03 6.98
CA TYR B 18 9.42 -3.36 6.06
C TYR B 18 8.53 -4.44 6.66
N LEU B 19 7.24 -4.14 6.74
CA LEU B 19 6.24 -5.13 7.14
C LEU B 19 5.38 -5.47 5.90
N ASP B 20 5.54 -6.69 5.37
CA ASP B 20 4.82 -7.16 4.18
C ASP B 20 3.85 -8.28 4.53
N VAL B 21 2.57 -8.07 4.25
CA VAL B 21 1.60 -9.15 4.32
C VAL B 21 1.63 -9.89 3.02
N LYS B 22 1.90 -11.19 3.11
CA LYS B 22 2.13 -12.02 1.94
C LYS B 22 1.34 -13.32 2.02
N GLN B 23 1.19 -13.99 0.86
CA GLN B 23 0.41 -15.20 0.70
C GLN B 23 1.07 -16.11 -0.32
N ASN B 24 1.20 -17.38 0.03
CA ASN B 24 1.54 -18.44 -0.94
C ASN B 24 0.81 -19.76 -0.56
N ARG B 25 1.18 -20.87 -1.17
CA ARG B 25 0.43 -22.12 -0.94
C ARG B 25 0.58 -22.62 0.49
N ARG B 26 1.50 -22.03 1.24
CA ARG B 26 1.63 -22.32 2.67
C ARG B 26 0.93 -21.33 3.56
N GLY B 27 0.04 -20.55 2.98
CA GLY B 27 -0.79 -19.64 3.77
C GLY B 27 -0.27 -18.22 3.84
N ARG B 28 -0.96 -17.44 4.64
CA ARG B 28 -0.77 -16.01 4.76
C ARG B 28 0.11 -15.73 5.97
N PHE B 29 0.97 -14.74 5.84
CA PHE B 29 1.93 -14.38 6.88
C PHE B 29 2.44 -12.91 6.75
N ILE B 30 3.10 -12.45 7.81
CA ILE B 30 3.78 -11.15 7.80
C ILE B 30 5.29 -11.34 7.79
N LYS B 31 5.96 -10.80 6.79
CA LYS B 31 7.41 -10.76 6.78
C LYS B 31 7.88 -9.41 7.33
N VAL B 32 8.84 -9.47 8.25
CA VAL B 32 9.45 -8.26 8.80
C VAL B 32 10.93 -8.24 8.43
N ALA B 33 11.29 -7.27 7.60
CA ALA B 33 12.65 -7.08 7.13
C ALA B 33 13.28 -5.86 7.80
N GLU B 34 14.50 -5.98 8.30
CA GLU B 34 15.24 -4.86 8.91
C GLU B 34 16.44 -4.50 8.09
N ILE B 35 16.65 -3.21 7.84
CA ILE B 35 17.93 -2.69 7.37
C ILE B 35 18.61 -1.92 8.51
N GLY B 36 19.78 -2.40 8.93
CA GLY B 36 20.50 -1.91 10.11
C GLY B 36 21.11 -0.54 9.91
N ALA B 37 21.56 0.09 11.00
CA ALA B 37 22.20 1.42 10.92
C ALA B 37 23.46 1.34 10.07
N ASP B 38 24.07 0.15 10.09
CA ASP B 38 25.31 -0.17 9.39
C ASP B 38 25.02 -0.83 8.02
N GLY B 39 23.74 -1.00 7.69
CA GLY B 39 23.35 -1.66 6.45
C GLY B 39 23.00 -3.15 6.50
N ARG B 40 23.27 -3.81 7.62
CA ARG B 40 23.02 -5.25 7.80
C ARG B 40 21.55 -5.61 7.57
N ARG B 41 21.30 -6.62 6.73
CA ARG B 41 19.91 -7.05 6.45
C ARG B 41 19.53 -8.28 7.25
N SER B 42 18.33 -8.30 7.85
CA SER B 42 17.77 -9.52 8.44
C SER B 42 16.23 -9.52 8.46
N GLN B 43 15.61 -10.70 8.64
CA GLN B 43 14.15 -10.85 8.53
C GLN B 43 13.62 -11.89 9.50
N ILE B 44 12.35 -11.73 9.87
CA ILE B 44 11.59 -12.77 10.58
C ILE B 44 10.25 -12.91 9.92
N TYR B 45 9.54 -13.99 10.22
CA TYR B 45 8.24 -14.25 9.59
C TYR B 45 7.27 -14.61 10.66
N LEU B 46 6.08 -14.07 10.57
CA LEU B 46 5.06 -14.27 11.58
C LEU B 46 3.73 -14.74 10.98
N ALA B 47 3.10 -15.77 11.58
CA ALA B 47 1.72 -16.09 11.27
C ALA B 47 0.91 -14.92 11.78
N LEU B 48 -0.27 -14.69 11.20
CA LEU B 48 -1.12 -13.55 11.62
C LEU B 48 -1.60 -13.62 13.08
N SER B 49 -1.74 -14.83 13.62
CA SER B 49 -2.14 -14.99 15.01
C SER B 49 -0.98 -14.60 15.94
N THR B 50 0.25 -14.99 15.59
CA THR B 50 1.46 -14.54 16.31
C THR B 50 1.66 -12.99 16.24
N ALA B 51 1.41 -12.40 15.08
CA ALA B 51 1.54 -10.97 14.89
C ALA B 51 0.58 -10.23 15.82
N ALA B 52 -0.65 -10.76 15.99
CA ALA B 52 -1.68 -10.18 16.91
C ALA B 52 -1.26 -10.20 18.37
N GLU B 53 -0.66 -11.33 18.78
CA GLU B 53 -0.01 -11.51 20.06
C GLU B 53 1.19 -10.54 20.25
N PHE B 54 2.02 -10.39 19.21
CA PHE B 54 3.18 -9.52 19.22
C PHE B 54 2.76 -8.04 19.42
N ARG B 55 1.76 -7.62 18.64
CA ARG B 55 1.07 -6.34 18.77
C ARG B 55 0.63 -6.04 20.22
N ASP B 56 0.02 -7.03 20.89
CA ASP B 56 -0.40 -6.89 22.30
C ASP B 56 0.80 -6.72 23.23
N HIS B 57 1.84 -7.53 23.05
CA HIS B 57 3.04 -7.35 23.83
C HIS B 57 3.63 -5.94 23.66
N LEU B 58 3.55 -5.38 22.45
CA LEU B 58 4.19 -4.08 22.19
C LEU B 58 3.59 -2.96 23.03
N SER B 59 2.29 -3.02 23.31
CA SER B 59 1.64 -2.07 24.20
C SER B 59 2.26 -2.10 25.59
N SER B 60 2.47 -3.30 26.10
CA SER B 60 3.08 -3.52 27.38
C SER B 60 4.56 -3.15 27.42
N PHE B 61 5.32 -3.52 26.40
CA PHE B 61 6.74 -3.17 26.35
C PHE B 61 6.93 -1.64 26.28
N SER B 62 6.03 -0.96 25.57
CA SER B 62 6.01 0.49 25.51
C SER B 62 5.81 1.20 26.86
N ASP B 63 4.78 0.76 27.60
CA ASP B 63 4.51 1.25 28.96
CA ASP B 63 4.50 1.27 28.96
C ASP B 63 5.72 1.08 29.87
N TYR B 64 6.38 -0.08 29.78
CA TYR B 64 7.60 -0.31 30.51
C TYR B 64 8.68 0.68 30.09
N TYR B 65 8.93 0.75 28.78
CA TYR B 65 9.95 1.64 28.22
C TYR B 65 9.82 3.10 28.69
N ALA B 66 8.60 3.62 28.67
CA ALA B 66 8.30 4.99 29.10
C ALA B 66 8.46 5.25 30.61
N SER B 67 8.50 4.18 31.42
CA SER B 67 8.64 4.30 32.88
C SER B 67 10.12 4.31 33.30
N LEU B 68 11.01 4.04 32.36
CA LEU B 68 12.42 3.84 32.70
C LEU B 68 13.23 5.08 33.10
N GLY B 69 12.99 6.21 32.44
CA GLY B 69 13.88 7.38 32.56
C GLY B 69 15.22 7.10 31.91
N PRO B 70 16.17 8.06 31.98
CA PRO B 70 17.49 7.87 31.37
C PRO B 70 18.34 6.83 32.09
N PRO B 71 19.34 6.22 31.39
CA PRO B 71 20.36 5.42 32.09
C PRO B 71 21.17 6.35 33.04
N ASN B 72 22.14 5.88 33.83
CA ASN B 72 22.58 4.50 33.97
C ASN B 72 23.16 4.40 35.35
N ASN B 75 27.55 4.44 33.63
CA ASN B 75 28.10 3.11 33.37
C ASN B 75 27.29 2.36 32.30
N LEU B 76 27.25 1.02 32.38
CA LEU B 76 26.51 0.11 31.47
C LEU B 76 27.19 -1.26 31.36
N PRO B 77 26.82 -2.22 32.22
CA PRO B 77 27.36 -3.57 32.03
C PRO B 77 26.31 -4.70 31.89
N GLU B 78 25.03 -4.33 31.84
CA GLU B 78 23.92 -5.28 31.76
C GLU B 78 23.33 -5.32 30.34
N GLY B 80 22.13 -8.10 29.51
CA GLY B 80 21.18 -8.07 30.64
C GLY B 80 19.79 -7.63 30.23
N LYS B 81 18.79 -8.44 30.57
CA LYS B 81 17.40 -8.19 30.14
C LYS B 81 16.60 -7.22 31.01
N LEU B 82 15.87 -6.32 30.38
CA LEU B 82 15.06 -5.37 31.12
C LEU B 82 13.64 -5.89 31.30
N LYS B 83 13.21 -6.67 30.31
CA LYS B 83 11.87 -7.25 30.26
C LYS B 83 11.89 -8.33 29.20
N SER B 84 11.14 -9.41 29.43
CA SER B 84 11.11 -10.56 28.50
C SER B 84 9.71 -11.14 28.33
N GLU B 85 9.45 -11.56 27.09
CA GLU B 85 8.31 -12.40 26.75
C GLU B 85 8.71 -13.48 25.75
N MET B 86 7.82 -14.45 25.61
CA MET B 86 8.06 -15.54 24.69
C MET B 86 6.76 -15.81 23.99
N MET B 87 6.83 -16.00 22.67
CA MET B 87 5.64 -16.42 21.91
C MET B 87 5.92 -17.77 21.29
N ILE B 88 4.85 -18.57 21.17
CA ILE B 88 4.91 -19.94 20.67
C ILE B 88 3.99 -20.08 19.47
N LYS B 89 4.46 -20.74 18.42
CA LYS B 89 3.58 -21.13 17.31
C LYS B 89 4.07 -22.46 16.71
N ASP B 90 3.47 -23.57 17.13
CA ASP B 90 3.90 -24.94 16.75
C ASP B 90 5.37 -25.23 17.12
N TYR B 91 6.20 -25.35 16.09
CA TYR B 91 7.62 -25.62 16.26
CA TYR B 91 7.63 -25.61 16.28
C TYR B 91 8.44 -24.32 16.31
N ARG B 92 7.76 -23.18 16.16
CA ARG B 92 8.46 -21.88 16.15
C ARG B 92 8.33 -21.18 17.50
N ARG B 93 9.47 -20.77 18.04
CA ARG B 93 9.50 -19.93 19.26
C ARG B 93 10.00 -18.51 18.93
N TYR B 94 9.41 -17.53 19.60
CA TYR B 94 9.85 -16.14 19.44
C TYR B 94 10.19 -15.51 20.80
N TYR B 95 11.44 -15.12 20.99
CA TYR B 95 11.84 -14.44 22.23
C TYR B 95 11.88 -12.91 22.02
N LEU B 96 11.09 -12.20 22.82
CA LEU B 96 11.01 -10.72 22.85
C LEU B 96 11.78 -10.21 24.09
N ASP B 97 12.99 -9.70 23.88
CA ASP B 97 13.83 -9.18 24.95
C ASP B 97 14.13 -7.69 24.79
N LEU B 98 13.53 -6.86 25.64
CA LEU B 98 13.95 -5.44 25.74
C LEU B 98 15.35 -5.35 26.36
N LYS B 99 16.33 -5.00 25.54
CA LYS B 99 17.71 -4.91 25.98
C LYS B 99 18.21 -3.47 25.90
N GLU B 100 19.48 -3.30 26.24
CA GLU B 100 20.12 -2.01 26.28
C GLU B 100 21.58 -2.17 25.85
N ASN B 101 22.09 -1.17 25.11
CA ASN B 101 23.53 -1.07 24.78
C ASN B 101 24.02 0.39 24.68
N ALA B 102 25.20 0.60 24.09
CA ALA B 102 25.82 1.93 23.93
C ALA B 102 24.91 2.93 23.20
N ARG B 103 24.10 2.40 22.28
CA ARG B 103 23.32 3.22 21.34
C ARG B 103 21.91 3.45 21.84
N GLY B 104 21.50 2.72 22.86
CA GLY B 104 20.15 2.92 23.39
C GLY B 104 19.44 1.64 23.77
N ARG B 105 18.13 1.74 23.87
CA ARG B 105 17.28 0.61 24.20
C ARG B 105 16.67 0.01 22.95
N PHE B 106 16.58 -1.31 22.90
CA PHE B 106 15.92 -1.98 21.74
C PHE B 106 15.24 -3.28 22.09
N LEU B 107 14.17 -3.56 21.37
CA LEU B 107 13.51 -4.83 21.53
C LEU B 107 14.08 -5.84 20.55
N ARG B 108 14.87 -6.78 21.07
CA ARG B 108 15.34 -7.91 20.25
C ARG B 108 14.24 -8.93 20.06
N VAL B 109 13.97 -9.25 18.78
CA VAL B 109 13.05 -10.36 18.53
C VAL B 109 13.68 -11.50 17.72
N SER B 110 13.77 -12.64 18.40
CA SER B 110 14.49 -13.82 17.93
C SER B 110 13.53 -14.92 17.60
N GLN B 111 13.66 -15.42 16.37
CA GLN B 111 12.85 -16.54 15.88
C GLN B 111 13.72 -17.80 15.85
N THR B 112 13.24 -18.87 16.46
CA THR B 112 13.96 -20.15 16.44
C THR B 112 12.98 -21.22 16.04
N ILE B 113 13.44 -22.11 15.16
CA ILE B 113 12.69 -23.30 14.78
C ILE B 113 13.41 -24.44 15.49
N THR B 114 12.72 -24.98 16.50
CA THR B 114 13.30 -25.96 17.40
C THR B 114 13.49 -27.26 16.63
N ARG B 115 14.31 -28.14 17.19
CA ARG B 115 14.58 -29.45 16.61
C ARG B 115 15.28 -29.35 15.23
N GLY B 116 16.23 -28.41 15.09
CA GLY B 116 17.13 -28.38 13.92
C GLY B 116 17.02 -27.22 12.95
N GLY B 117 16.04 -26.33 13.15
CA GLY B 117 15.68 -25.33 12.13
C GLY B 117 16.60 -24.13 12.03
N PRO B 118 16.27 -23.19 11.10
CA PRO B 118 16.98 -21.89 11.02
C PRO B 118 16.60 -20.92 12.15
N ARG B 119 17.57 -20.07 12.51
CA ARG B 119 17.38 -18.98 13.49
C ARG B 119 17.50 -17.60 12.78
N SER B 120 16.87 -16.56 13.34
CA SER B 120 17.09 -15.18 12.89
C SER B 120 16.46 -14.15 13.83
N GLN B 121 16.85 -12.90 13.66
CA GLN B 121 16.42 -11.85 14.57
C GLN B 121 16.29 -10.48 13.89
N ILE B 122 15.50 -9.60 14.51
CA ILE B 122 15.52 -8.15 14.24
C ILE B 122 15.69 -7.41 15.59
N ALA B 123 16.25 -6.20 15.52
CA ALA B 123 16.45 -5.37 16.69
C ALA B 123 15.76 -4.04 16.51
N LEU B 124 14.63 -3.89 17.18
CA LEU B 124 13.69 -2.75 17.02
C LEU B 124 14.04 -1.69 18.07
N PRO B 125 14.62 -0.53 17.66
CA PRO B 125 14.88 0.50 18.67
C PRO B 125 13.59 0.74 19.45
N ALA B 126 13.69 0.81 20.77
CA ALA B 126 12.50 1.00 21.62
C ALA B 126 11.64 2.21 21.28
N GLN B 127 12.26 3.31 20.83
CA GLN B 127 11.49 4.50 20.39
C GLN B 127 10.47 4.22 19.26
N GLY B 128 10.63 3.11 18.54
CA GLY B 128 9.71 2.81 17.42
C GLY B 128 8.62 1.81 17.77
N MET B 129 8.51 1.39 19.04
CA MET B 129 7.56 0.30 19.42
C MET B 129 6.10 0.61 19.16
N ILE B 130 5.70 1.84 19.50
CA ILE B 130 4.35 2.28 19.18
C ILE B 130 4.08 2.36 17.65
N GLU B 131 5.06 2.82 16.88
CA GLU B 131 4.86 2.89 15.42
C GLU B 131 4.71 1.47 14.85
N PHE B 132 5.54 0.55 15.34
CA PHE B 132 5.47 -0.82 14.90
C PHE B 132 4.13 -1.44 15.30
N ARG B 133 3.77 -1.28 16.57
CA ARG B 133 2.44 -1.70 17.04
C ARG B 133 1.26 -1.21 16.22
N ASP B 134 1.20 0.10 15.99
CA ASP B 134 0.17 0.68 15.13
C ASP B 134 0.18 0.18 13.69
N ALA B 135 1.35 0.02 13.08
CA ALA B 135 1.43 -0.60 11.76
C ALA B 135 0.83 -2.02 11.74
N LEU B 136 1.15 -2.83 12.75
CA LEU B 136 0.59 -4.16 12.85
C LEU B 136 -0.93 -4.14 13.05
N THR B 137 -1.40 -3.23 13.87
CA THR B 137 -2.82 -3.14 14.15
C THR B 137 -3.59 -2.91 12.87
N ASP B 138 -3.10 -2.05 11.99
CA ASP B 138 -3.94 -1.81 10.86
C ASP B 138 -3.76 -2.81 9.68
N LEU B 139 -2.60 -3.43 9.56
CA LEU B 139 -2.50 -4.61 8.71
C LEU B 139 -3.45 -5.72 9.20
N LEU B 140 -3.46 -5.96 10.51
CA LEU B 140 -4.33 -7.00 11.09
C LEU B 140 -5.84 -6.72 10.97
N GLU B 141 -6.28 -5.46 11.10
CA GLU B 141 -7.71 -5.14 11.00
C GLU B 141 -8.21 -5.50 9.62
N GLU B 142 -7.37 -5.22 8.61
CA GLU B 142 -7.71 -5.43 7.20
C GLU B 142 -7.56 -6.84 6.64
N PHE B 143 -6.59 -7.61 7.13
CA PHE B 143 -6.22 -8.85 6.45
C PHE B 143 -6.18 -10.00 7.42
N GLY B 144 -6.64 -9.74 8.64
CA GLY B 144 -6.75 -10.77 9.66
C GLY B 144 -8.21 -11.10 9.95
N GLU C 2 -31.10 -32.11 -26.71
CA GLU C 2 -29.90 -31.28 -26.37
C GLU C 2 -30.15 -30.51 -25.09
N GLN C 3 -29.40 -30.85 -24.03
CA GLN C 3 -29.61 -30.20 -22.74
C GLN C 3 -28.51 -29.19 -22.37
N GLU C 4 -28.93 -28.08 -21.77
CA GLU C 4 -28.05 -27.01 -21.36
C GLU C 4 -27.77 -27.17 -19.85
N LEU C 5 -26.52 -27.49 -19.48
CA LEU C 5 -26.10 -27.76 -18.10
C LEU C 5 -25.76 -26.53 -17.24
N ALA C 6 -25.17 -25.50 -17.86
CA ALA C 6 -24.82 -24.23 -17.19
C ALA C 6 -24.56 -23.11 -18.21
N THR C 7 -24.72 -21.85 -17.80
CA THR C 7 -24.35 -20.70 -18.64
C THR C 7 -23.59 -19.66 -17.84
N LYS C 8 -22.64 -19.00 -18.51
CA LYS C 8 -21.95 -17.84 -17.98
C LYS C 8 -22.06 -16.78 -19.07
N MET C 9 -22.33 -15.54 -18.65
CA MET C 9 -22.36 -14.40 -19.55
C MET C 9 -21.29 -13.41 -19.10
N LEU C 10 -20.52 -12.88 -20.07
CA LEU C 10 -19.48 -11.90 -19.80
C LEU C 10 -19.69 -10.68 -20.66
N GLN C 11 -19.52 -9.50 -20.06
CA GLN C 11 -19.52 -8.29 -20.84
CA GLN C 11 -19.52 -8.26 -20.79
C GLN C 11 -18.10 -7.72 -20.88
N ILE C 12 -17.57 -7.64 -22.08
CA ILE C 12 -16.17 -7.29 -22.27
C ILE C 12 -16.05 -6.21 -23.34
N GLN C 13 -15.46 -5.07 -22.97
CA GLN C 13 -15.28 -3.89 -23.88
C GLN C 13 -16.41 -3.69 -24.91
N SER C 14 -17.65 -3.56 -24.48
CA SER C 14 -18.78 -3.46 -25.46
C SER C 14 -19.27 -4.74 -26.21
N LYS C 15 -18.61 -5.90 -26.07
CA LYS C 15 -19.20 -7.15 -26.56
C LYS C 15 -19.81 -8.01 -25.45
N ARG C 16 -20.60 -9.00 -25.85
CA ARG C 16 -21.02 -10.00 -24.89
C ARG C 16 -20.49 -11.33 -25.35
N PHE C 17 -20.14 -12.18 -24.38
CA PHE C 17 -19.83 -13.58 -24.64
C PHE C 17 -20.67 -14.52 -23.79
N TYR C 18 -21.10 -15.64 -24.39
CA TYR C 18 -21.87 -16.66 -23.66
C TYR C 18 -21.11 -17.96 -23.69
N LEU C 19 -20.90 -18.54 -22.50
CA LEU C 19 -20.27 -19.84 -22.35
C LEU C 19 -21.34 -20.81 -21.83
N ASP C 20 -21.78 -21.72 -22.71
CA ASP C 20 -22.80 -22.70 -22.36
C ASP C 20 -22.21 -24.09 -22.30
N VAL C 21 -22.35 -24.77 -21.16
CA VAL C 21 -22.03 -26.21 -21.06
C VAL C 21 -23.29 -26.97 -21.49
N LYS C 22 -23.11 -27.86 -22.46
CA LYS C 22 -24.22 -28.54 -23.11
C LYS C 22 -23.93 -30.00 -23.28
N GLN C 23 -24.99 -30.74 -23.56
CA GLN C 23 -24.93 -32.18 -23.69
C GLN C 23 -25.94 -32.67 -24.72
N ASN C 24 -25.49 -33.52 -25.63
CA ASN C 24 -26.39 -34.30 -26.50
C ASN C 24 -25.83 -35.71 -26.75
N ARG C 25 -26.37 -36.43 -27.73
CA ARG C 25 -25.93 -37.83 -27.92
C ARG C 25 -24.47 -37.95 -28.43
N ARG C 26 -23.89 -36.82 -28.81
CA ARG C 26 -22.49 -36.76 -29.18
C ARG C 26 -21.60 -36.29 -28.03
N GLY C 27 -22.14 -36.28 -26.82
CA GLY C 27 -21.34 -35.95 -25.66
C GLY C 27 -21.53 -34.55 -25.13
N ARG C 28 -20.69 -34.21 -24.18
CA ARG C 28 -20.68 -32.94 -23.49
C ARG C 28 -19.64 -32.00 -24.09
N PHE C 29 -19.94 -30.70 -24.11
CA PHE C 29 -19.08 -29.72 -24.75
C PHE C 29 -19.41 -28.32 -24.22
N ILE C 30 -18.53 -27.37 -24.52
CA ILE C 30 -18.76 -25.94 -24.27
C ILE C 30 -18.91 -25.18 -25.57
N LYS C 31 -20.03 -24.48 -25.70
CA LYS C 31 -20.27 -23.56 -26.77
C LYS C 31 -19.92 -22.16 -26.27
N VAL C 32 -19.15 -21.43 -27.06
CA VAL C 32 -18.83 -20.03 -26.77
C VAL C 32 -19.35 -19.19 -27.93
N ALA C 33 -20.29 -18.31 -27.60
CA ALA C 33 -20.92 -17.42 -28.56
C ALA C 33 -20.50 -16.00 -28.26
N GLU C 34 -20.27 -15.22 -29.30
CA GLU C 34 -19.85 -13.82 -29.21
C GLU C 34 -20.88 -12.94 -29.88
N ILE C 35 -21.19 -11.82 -29.24
CA ILE C 35 -21.89 -10.70 -29.86
C ILE C 35 -20.90 -9.56 -30.05
N GLY C 36 -20.63 -9.21 -31.30
CA GLY C 36 -19.66 -8.15 -31.65
C GLY C 36 -20.04 -6.74 -31.22
N ALA C 37 -19.05 -5.84 -31.15
CA ALA C 37 -19.30 -4.41 -30.89
C ALA C 37 -20.28 -3.80 -31.91
N ASP C 38 -20.26 -4.36 -33.12
CA ASP C 38 -21.16 -3.98 -34.22
C ASP C 38 -22.42 -4.87 -34.32
N GLY C 39 -22.52 -5.87 -33.45
CA GLY C 39 -23.67 -6.79 -33.43
C GLY C 39 -23.44 -8.15 -34.08
N ARG C 40 -22.34 -8.30 -34.81
CA ARG C 40 -22.02 -9.56 -35.51
C ARG C 40 -21.95 -10.81 -34.59
N ARG C 41 -22.67 -11.87 -34.96
CA ARG C 41 -22.74 -13.06 -34.13
C ARG C 41 -21.77 -14.10 -34.67
N SER C 42 -21.04 -14.76 -33.78
CA SER C 42 -20.29 -15.96 -34.12
C SER C 42 -20.06 -16.90 -32.91
N GLN C 43 -19.70 -18.14 -33.18
CA GLN C 43 -19.60 -19.21 -32.16
C GLN C 43 -18.48 -20.20 -32.42
N ILE C 44 -17.89 -20.74 -31.36
CA ILE C 44 -17.04 -21.91 -31.46
C ILE C 44 -17.47 -22.99 -30.46
N TYR C 45 -17.00 -24.21 -30.65
CA TYR C 45 -17.38 -25.34 -29.78
C TYR C 45 -16.13 -26.06 -29.36
N LEU C 46 -16.08 -26.42 -28.07
CA LEU C 46 -14.93 -27.02 -27.42
C LEU C 46 -15.31 -28.30 -26.64
N ALA C 47 -14.57 -29.38 -26.85
CA ALA C 47 -14.60 -30.48 -25.90
C ALA C 47 -14.05 -29.96 -24.57
N LEU C 48 -14.41 -30.63 -23.48
CA LEU C 48 -13.99 -30.19 -22.15
C LEU C 48 -12.48 -30.30 -21.90
N SER C 49 -11.83 -31.23 -22.58
CA SER C 49 -10.40 -31.37 -22.51
C SER C 49 -9.71 -30.18 -23.21
N THR C 50 -10.19 -29.78 -24.39
CA THR C 50 -9.67 -28.59 -25.07
C THR C 50 -9.92 -27.28 -24.24
N ALA C 51 -11.06 -27.22 -23.56
CA ALA C 51 -11.42 -26.03 -22.79
C ALA C 51 -10.44 -25.87 -21.64
N ALA C 52 -9.95 -26.99 -21.10
CA ALA C 52 -8.95 -27.01 -20.00
C ALA C 52 -7.58 -26.56 -20.51
N GLU C 53 -7.21 -27.03 -21.69
CA GLU C 53 -6.02 -26.57 -22.38
C GLU C 53 -6.07 -25.06 -22.74
N PHE C 54 -7.21 -24.61 -23.23
CA PHE C 54 -7.47 -23.20 -23.56
C PHE C 54 -7.30 -22.32 -22.30
N ARG C 55 -7.90 -22.77 -21.20
CA ARG C 55 -7.86 -22.13 -19.89
C ARG C 55 -6.41 -21.92 -19.43
N ASP C 56 -5.58 -22.95 -19.60
CA ASP C 56 -4.14 -22.84 -19.31
C ASP C 56 -3.44 -21.84 -20.22
N HIS C 57 -3.71 -21.88 -21.53
CA HIS C 57 -3.11 -20.88 -22.42
C HIS C 57 -3.48 -19.44 -22.01
N LEU C 58 -4.70 -19.24 -21.50
CA LEU C 58 -5.16 -17.92 -21.16
C LEU C 58 -4.30 -17.24 -20.08
N SER C 59 -3.82 -18.02 -19.11
CA SER C 59 -2.92 -17.50 -18.07
C SER C 59 -1.66 -16.97 -18.69
N SER C 60 -1.13 -17.73 -19.64
CA SER C 60 0.08 -17.36 -20.33
C SER C 60 -0.11 -16.16 -21.26
N PHE C 61 -1.25 -16.10 -21.96
CA PHE C 61 -1.50 -14.95 -22.85
C PHE C 61 -1.68 -13.66 -22.01
N SER C 62 -2.25 -13.81 -20.83
CA SER C 62 -2.43 -12.72 -19.88
C SER C 62 -1.13 -12.06 -19.39
N ASP C 63 -0.15 -12.88 -18.99
CA ASP C 63 1.20 -12.40 -18.61
C ASP C 63 1.84 -11.69 -19.75
N TYR C 64 1.67 -12.22 -20.95
CA TYR C 64 2.26 -11.59 -22.11
C TYR C 64 1.62 -10.21 -22.35
N TYR C 65 0.29 -10.18 -22.32
CA TYR C 65 -0.49 -8.94 -22.50
C TYR C 65 -0.07 -7.83 -21.50
N ALA C 66 0.06 -8.19 -20.22
CA ALA C 66 0.40 -7.27 -19.16
C ALA C 66 1.84 -6.71 -19.26
N SER C 67 2.69 -7.43 -19.97
CA SER C 67 4.08 -7.02 -20.14
C SER C 67 4.28 -6.03 -21.28
N LEU C 68 3.23 -5.80 -22.06
CA LEU C 68 3.36 -5.03 -23.30
C LEU C 68 3.50 -3.49 -23.19
N GLY C 69 2.81 -2.89 -22.21
CA GLY C 69 2.64 -1.44 -22.16
C GLY C 69 1.83 -0.91 -23.34
N PRO C 70 1.72 0.41 -23.48
CA PRO C 70 0.93 0.94 -24.59
C PRO C 70 1.57 0.71 -25.99
N PRO C 71 0.78 0.81 -27.06
CA PRO C 71 1.39 0.94 -28.41
C PRO C 71 2.22 2.27 -28.40
N ASN C 72 3.27 2.51 -29.17
CA ASN C 72 3.55 2.20 -30.56
C ASN C 72 4.22 3.40 -31.27
N THR C 73 5.48 3.56 -30.88
CA THR C 73 6.61 3.20 -31.74
C THR C 73 6.36 3.14 -33.24
N ASP C 74 5.36 2.32 -33.61
CA ASP C 74 4.73 2.21 -34.95
C ASP C 74 5.15 0.97 -35.78
N ASN C 75 5.76 -0.02 -35.11
CA ASN C 75 6.17 -1.24 -35.80
C ASN C 75 5.51 -2.51 -35.29
N LEU C 76 4.41 -2.89 -35.95
CA LEU C 76 3.80 -4.21 -35.76
C LEU C 76 4.30 -5.18 -36.84
N PRO C 77 4.33 -6.49 -36.53
CA PRO C 77 4.43 -7.53 -37.58
C PRO C 77 3.36 -7.36 -38.67
N GLU C 78 3.71 -7.58 -39.93
CA GLU C 78 2.81 -7.39 -41.07
C GLU C 78 1.41 -8.01 -40.92
N ASP C 79 1.32 -9.19 -40.30
CA ASP C 79 0.02 -9.90 -40.15
C ASP C 79 -0.79 -9.47 -38.92
N GLY C 80 -0.10 -8.97 -37.90
CA GLY C 80 -0.71 -8.30 -36.76
C GLY C 80 -0.50 -9.06 -35.47
N LYS C 81 0.16 -10.21 -35.55
CA LYS C 81 0.18 -11.19 -34.48
C LYS C 81 1.40 -11.17 -33.59
N LEU C 82 1.13 -11.17 -32.29
CA LEU C 82 2.14 -10.94 -31.26
C LEU C 82 2.56 -12.19 -30.51
N LYS C 83 1.64 -13.13 -30.34
CA LYS C 83 1.89 -14.39 -29.65
C LYS C 83 0.90 -15.40 -30.25
N SER C 84 1.32 -16.66 -30.37
CA SER C 84 0.50 -17.70 -31.00
C SER C 84 0.60 -19.04 -30.31
N GLU C 85 -0.55 -19.73 -30.23
CA GLU C 85 -0.61 -21.11 -29.85
C GLU C 85 -1.57 -21.84 -30.78
N MET C 86 -1.55 -23.16 -30.67
CA MET C 86 -2.39 -24.02 -31.47
C MET C 86 -2.82 -25.15 -30.61
N MET C 87 -4.10 -25.48 -30.66
CA MET C 87 -4.61 -26.65 -29.95
C MET C 87 -5.18 -27.64 -30.97
N ILE C 88 -5.12 -28.91 -30.61
CA ILE C 88 -5.49 -30.02 -31.48
C ILE C 88 -6.48 -30.92 -30.76
N LYS C 89 -7.55 -31.28 -31.45
CA LYS C 89 -8.49 -32.26 -30.93
C LYS C 89 -9.00 -33.11 -32.10
N ASP C 90 -8.35 -34.27 -32.28
CA ASP C 90 -8.61 -35.17 -33.43
C ASP C 90 -8.48 -34.43 -34.75
N TYR C 91 -9.60 -34.18 -35.42
CA TYR C 91 -9.58 -33.50 -36.71
C TYR C 91 -9.80 -31.96 -36.59
N ARG C 92 -10.05 -31.51 -35.36
CA ARG C 92 -10.29 -30.10 -35.10
C ARG C 92 -8.98 -29.41 -34.70
N ARG C 93 -8.69 -28.27 -35.35
CA ARG C 93 -7.58 -27.43 -34.95
C ARG C 93 -8.07 -26.07 -34.49
N TYR C 94 -7.44 -25.53 -33.44
CA TYR C 94 -7.77 -24.21 -32.88
C TYR C 94 -6.52 -23.32 -32.85
N TYR C 95 -6.54 -22.22 -33.59
CA TYR C 95 -5.48 -21.22 -33.55
C TYR C 95 -5.81 -20.06 -32.59
N LEU C 96 -4.90 -19.79 -31.66
CA LEU C 96 -5.00 -18.74 -30.68
C LEU C 96 -3.95 -17.68 -31.02
N ASP C 97 -4.39 -16.57 -31.60
CA ASP C 97 -3.50 -15.48 -31.96
C ASP C 97 -3.86 -14.16 -31.23
N LEU C 98 -3.01 -13.72 -30.31
CA LEU C 98 -3.05 -12.36 -29.77
C LEU C 98 -2.66 -11.32 -30.83
N LYS C 99 -3.65 -10.59 -31.32
CA LYS C 99 -3.43 -9.63 -32.39
C LYS C 99 -3.54 -8.19 -31.86
N GLU C 100 -2.95 -7.23 -32.58
CA GLU C 100 -3.06 -5.81 -32.23
C GLU C 100 -3.50 -4.96 -33.40
N ASN C 101 -4.74 -4.50 -33.40
CA ASN C 101 -5.13 -3.58 -34.44
C ASN C 101 -5.39 -2.16 -33.96
N ALA C 102 -6.00 -1.37 -34.85
CA ALA C 102 -6.30 0.03 -34.61
C ALA C 102 -7.13 0.15 -33.33
N ARG C 103 -8.26 -0.56 -33.30
CA ARG C 103 -9.13 -0.63 -32.11
C ARG C 103 -8.48 -1.14 -30.81
N GLY C 104 -7.40 -1.94 -30.90
CA GLY C 104 -6.74 -2.46 -29.67
C GLY C 104 -6.16 -3.87 -29.71
N ARG C 105 -6.11 -4.56 -28.56
CA ARG C 105 -5.58 -5.92 -28.50
C ARG C 105 -6.65 -6.96 -28.26
N PHE C 106 -6.59 -8.06 -29.02
CA PHE C 106 -7.58 -9.14 -28.88
C PHE C 106 -7.02 -10.52 -29.18
N LEU C 107 -7.51 -11.49 -28.46
CA LEU C 107 -7.18 -12.85 -28.76
C LEU C 107 -8.16 -13.45 -29.77
N ARG C 108 -7.72 -13.62 -31.02
CA ARG C 108 -8.51 -14.31 -32.04
C ARG C 108 -8.42 -15.82 -31.83
N VAL C 109 -9.58 -16.45 -31.70
CA VAL C 109 -9.61 -17.92 -31.66
C VAL C 109 -10.42 -18.55 -32.77
N SER C 110 -9.69 -19.27 -33.62
CA SER C 110 -10.21 -19.85 -34.87
C SER C 110 -10.30 -21.35 -34.75
N GLN C 111 -11.48 -21.86 -35.11
CA GLN C 111 -11.72 -23.30 -35.19
C GLN C 111 -11.80 -23.75 -36.65
N THR C 112 -11.00 -24.75 -36.98
CA THR C 112 -10.98 -25.32 -38.33
C THR C 112 -11.04 -26.83 -38.20
N ILE C 113 -11.38 -27.49 -39.29
CA ILE C 113 -11.33 -28.92 -39.25
C ILE C 113 -10.29 -29.35 -40.31
N THR C 114 -9.49 -30.37 -39.98
CA THR C 114 -8.27 -30.73 -40.77
C THR C 114 -8.41 -30.71 -42.30
N ARG C 115 -9.45 -31.38 -42.78
CA ARG C 115 -9.65 -31.62 -44.21
C ARG C 115 -9.38 -30.42 -45.18
N GLY C 116 -10.12 -29.29 -45.11
CA GLY C 116 -10.99 -28.88 -44.00
C GLY C 116 -12.51 -28.99 -44.08
N GLY C 117 -13.18 -27.81 -44.02
CA GLY C 117 -14.64 -27.75 -43.83
C GLY C 117 -15.12 -26.55 -43.02
N PRO C 118 -16.21 -26.70 -42.25
CA PRO C 118 -16.80 -25.51 -41.57
C PRO C 118 -15.83 -24.85 -40.55
N ARG C 119 -15.49 -23.59 -40.80
CA ARG C 119 -14.58 -22.79 -39.99
C ARG C 119 -15.40 -21.77 -39.21
N SER C 120 -14.78 -21.15 -38.18
CA SER C 120 -15.39 -20.04 -37.45
C SER C 120 -14.47 -19.51 -36.38
N GLN C 121 -14.77 -18.32 -35.87
CA GLN C 121 -13.91 -17.64 -34.92
C GLN C 121 -14.66 -16.75 -33.93
N ILE C 122 -14.02 -16.51 -32.78
CA ILE C 122 -14.39 -15.42 -31.88
C ILE C 122 -13.17 -14.52 -31.65
N ALA C 123 -13.41 -13.26 -31.28
CA ALA C 123 -12.33 -12.30 -31.02
C ALA C 123 -12.51 -11.68 -29.63
N LEU C 124 -11.64 -12.08 -28.70
CA LEU C 124 -11.81 -11.83 -27.28
C LEU C 124 -10.94 -10.63 -26.94
N PRO C 125 -11.54 -9.48 -26.59
CA PRO C 125 -10.67 -8.35 -26.21
C PRO C 125 -9.70 -8.78 -25.10
N ALA C 126 -8.43 -8.44 -25.27
CA ALA C 126 -7.40 -8.89 -24.35
C ALA C 126 -7.67 -8.55 -22.87
N GLN C 127 -8.34 -7.40 -22.61
CA GLN C 127 -8.73 -7.05 -21.24
C GLN C 127 -9.62 -8.09 -20.59
N GLY C 128 -10.30 -8.90 -21.41
CA GLY C 128 -11.19 -9.92 -20.80
C GLY C 128 -10.60 -11.32 -20.57
N MET C 129 -9.29 -11.52 -20.85
CA MET C 129 -8.75 -12.90 -20.83
C MET C 129 -8.80 -13.55 -19.46
N ILE C 130 -8.51 -12.79 -18.41
CA ILE C 130 -8.67 -13.32 -17.04
C ILE C 130 -10.12 -13.67 -16.67
N GLU C 131 -11.09 -12.82 -17.04
CA GLU C 131 -12.52 -13.16 -16.77
C GLU C 131 -12.94 -14.44 -17.50
N PHE C 132 -12.52 -14.55 -18.75
CA PHE C 132 -12.85 -15.72 -19.55
C PHE C 132 -12.19 -16.98 -18.95
N ARG C 133 -10.85 -16.91 -18.76
CA ARG C 133 -10.14 -17.93 -17.97
C ARG C 133 -10.81 -18.38 -16.65
N ASP C 134 -11.21 -17.42 -15.82
CA ASP C 134 -11.88 -17.76 -14.56
C ASP C 134 -13.26 -18.38 -14.76
N ALA C 135 -14.00 -17.93 -15.76
CA ALA C 135 -15.30 -18.55 -16.05
C ALA C 135 -15.11 -20.01 -16.50
N LEU C 136 -14.13 -20.27 -17.36
CA LEU C 136 -13.77 -21.64 -17.77
C LEU C 136 -13.40 -22.51 -16.57
N THR C 137 -12.56 -21.97 -15.68
CA THR C 137 -12.09 -22.71 -14.53
C THR C 137 -13.23 -23.19 -13.69
N ASP C 138 -14.27 -22.39 -13.51
CA ASP C 138 -15.29 -22.88 -12.62
C ASP C 138 -16.39 -23.72 -13.28
N LEU C 139 -16.66 -23.50 -14.57
CA LEU C 139 -17.42 -24.52 -15.33
C LEU C 139 -16.67 -25.89 -15.32
N LEU C 140 -15.34 -25.86 -15.46
CA LEU C 140 -14.54 -27.10 -15.50
C LEU C 140 -14.38 -27.79 -14.12
N GLU C 141 -14.35 -27.02 -13.02
CA GLU C 141 -14.33 -27.54 -11.63
CA GLU C 141 -14.30 -27.60 -11.68
C GLU C 141 -15.53 -28.47 -11.44
N GLU C 142 -16.69 -27.93 -11.82
CA GLU C 142 -17.93 -28.67 -11.72
C GLU C 142 -18.01 -29.82 -12.75
N PHE C 143 -17.91 -29.50 -14.03
CA PHE C 143 -18.26 -30.47 -15.09
C PHE C 143 -17.14 -31.33 -15.74
N GLY C 144 -15.87 -30.95 -15.55
CA GLY C 144 -14.76 -31.59 -16.24
C GLY C 144 -13.79 -32.17 -15.25
N ALA C 145 -13.76 -33.51 -15.17
CA ALA C 145 -13.03 -34.28 -14.12
C ALA C 145 -11.49 -34.37 -14.26
N ASN C 146 -11.00 -34.31 -15.49
CA ASN C 146 -9.59 -34.57 -15.82
C ASN C 146 -9.15 -35.99 -15.42
N GLU D 2 -8.76 27.45 -18.48
CA GLU D 2 -8.56 26.00 -18.28
C GLU D 2 -8.43 25.28 -19.61
N GLN D 3 -7.23 24.79 -19.90
CA GLN D 3 -6.97 24.15 -21.20
C GLN D 3 -6.82 22.63 -21.15
N GLU D 4 -7.28 21.97 -22.21
N GLU D 4 -7.30 21.95 -22.19
CA GLU D 4 -7.21 20.52 -22.36
CA GLU D 4 -7.19 20.49 -22.27
C GLU D 4 -6.02 20.09 -23.19
C GLU D 4 -6.04 20.07 -23.17
N LEU D 5 -5.11 19.33 -22.58
CA LEU D 5 -3.90 18.91 -23.26
C LEU D 5 -4.02 17.60 -24.04
N ALA D 6 -4.79 16.65 -23.51
CA ALA D 6 -5.00 15.32 -24.12
C ALA D 6 -6.19 14.59 -23.49
N THR D 7 -6.82 13.67 -24.25
CA THR D 7 -7.90 12.80 -23.74
C THR D 7 -7.66 11.34 -24.13
N LYS D 8 -8.05 10.43 -23.23
CA LYS D 8 -8.15 8.99 -23.50
C LYS D 8 -9.50 8.55 -22.99
N MET D 9 -10.15 7.69 -23.76
CA MET D 9 -11.47 7.18 -23.41
C MET D 9 -11.32 5.67 -23.39
N LEU D 10 -11.81 5.04 -22.34
CA LEU D 10 -11.77 3.62 -22.19
C LEU D 10 -13.19 3.10 -21.95
N GLN D 11 -13.53 1.99 -22.60
CA GLN D 11 -14.79 1.29 -22.31
CA GLN D 11 -14.79 1.26 -22.36
C GLN D 11 -14.46 -0.01 -21.61
N ILE D 12 -14.96 -0.13 -20.38
CA ILE D 12 -14.61 -1.25 -19.52
C ILE D 12 -15.87 -1.85 -18.88
N GLN D 13 -16.13 -3.13 -19.19
CA GLN D 13 -17.31 -3.88 -18.68
C GLN D 13 -18.59 -3.06 -18.62
N SER D 14 -19.04 -2.47 -19.72
CA SER D 14 -20.24 -1.56 -19.65
C SER D 14 -20.09 -0.16 -19.00
N LYS D 15 -18.93 0.21 -18.47
CA LYS D 15 -18.74 1.60 -18.08
C LYS D 15 -17.84 2.35 -19.05
N ARG D 16 -17.86 3.68 -19.02
CA ARG D 16 -16.88 4.49 -19.73
C ARG D 16 -16.03 5.26 -18.76
N PHE D 17 -14.75 5.42 -19.07
CA PHE D 17 -13.85 6.27 -18.32
C PHE D 17 -13.17 7.26 -19.22
N TYR D 18 -13.08 8.52 -18.78
CA TYR D 18 -12.31 9.58 -19.47
C TYR D 18 -11.11 10.00 -18.64
N LEU D 19 -9.94 9.97 -19.25
CA LEU D 19 -8.71 10.48 -18.64
C LEU D 19 -8.28 11.74 -19.41
N ASP D 20 -8.43 12.91 -18.79
CA ASP D 20 -8.10 14.21 -19.41
C ASP D 20 -6.89 14.86 -18.73
N VAL D 21 -5.84 15.11 -19.48
CA VAL D 21 -4.75 15.93 -18.99
C VAL D 21 -5.12 17.38 -19.21
N LYS D 22 -5.15 18.13 -18.12
CA LYS D 22 -5.63 19.51 -18.14
C LYS D 22 -4.65 20.44 -17.41
N GLN D 23 -4.79 21.74 -17.69
CA GLN D 23 -3.94 22.80 -17.13
C GLN D 23 -4.75 24.04 -16.85
N ASN D 24 -4.57 24.62 -15.66
CA ASN D 24 -5.04 25.98 -15.36
C ASN D 24 -4.04 26.70 -14.44
N ARG D 25 -4.42 27.84 -13.87
CA ARG D 25 -3.45 28.61 -13.06
C ARG D 25 -3.01 27.88 -11.80
N ARG D 26 -3.70 26.80 -11.47
CA ARG D 26 -3.27 25.95 -10.36
C ARG D 26 -2.48 24.74 -10.80
N GLY D 27 -1.99 24.77 -12.03
CA GLY D 27 -1.10 23.72 -12.48
C GLY D 27 -1.77 22.64 -13.31
N ARG D 28 -0.97 21.66 -13.65
CA ARG D 28 -1.34 20.58 -14.55
C ARG D 28 -1.79 19.38 -13.71
N PHE D 29 -2.79 18.67 -14.22
CA PHE D 29 -3.36 17.53 -13.54
C PHE D 29 -4.10 16.56 -14.51
N ILE D 30 -4.42 15.38 -13.99
CA ILE D 30 -5.27 14.41 -14.72
C ILE D 30 -6.64 14.31 -14.06
N LYS D 31 -7.68 14.60 -14.82
CA LYS D 31 -9.04 14.32 -14.35
C LYS D 31 -9.49 12.95 -14.84
N VAL D 32 -10.05 12.15 -13.93
CA VAL D 32 -10.61 10.87 -14.28
C VAL D 32 -12.10 10.88 -13.99
N ALA D 33 -12.89 10.76 -15.06
CA ALA D 33 -14.35 10.77 -15.02
C ALA D 33 -14.88 9.36 -15.30
N GLU D 34 -15.82 8.91 -14.48
CA GLU D 34 -16.46 7.60 -14.69
C GLU D 34 -17.92 7.78 -15.03
N ILE D 35 -18.40 7.05 -16.04
CA ILE D 35 -19.83 6.84 -16.25
C ILE D 35 -20.19 5.39 -15.89
N GLY D 36 -21.07 5.23 -14.91
CA GLY D 36 -21.42 3.94 -14.30
C GLY D 36 -22.25 3.07 -15.23
N ALA D 37 -22.38 1.78 -14.89
CA ALA D 37 -23.22 0.86 -15.67
C ALA D 37 -24.67 1.33 -15.66
N ASP D 38 -25.03 2.02 -14.58
CA ASP D 38 -26.37 2.56 -14.35
C ASP D 38 -26.48 4.03 -14.79
N GLY D 39 -25.38 4.57 -15.33
CA GLY D 39 -25.35 5.98 -15.71
C GLY D 39 -24.76 6.99 -14.71
N ARG D 40 -24.53 6.56 -13.46
CA ARG D 40 -24.00 7.44 -12.39
C ARG D 40 -22.66 8.07 -12.78
N ARG D 41 -22.55 9.40 -12.65
CA ARG D 41 -21.30 10.11 -12.96
C ARG D 41 -20.49 10.42 -11.72
N SER D 42 -19.17 10.19 -11.76
CA SER D 42 -18.25 10.66 -10.70
C SER D 42 -16.84 10.86 -11.23
N GLN D 43 -16.01 11.62 -10.47
CA GLN D 43 -14.66 12.03 -10.92
C GLN D 43 -13.68 12.12 -9.77
N ILE D 44 -12.41 11.94 -10.10
CA ILE D 44 -11.29 12.26 -9.20
C ILE D 44 -10.23 13.03 -9.96
N TYR D 45 -9.32 13.65 -9.24
CA TYR D 45 -8.30 14.47 -9.87
C TYR D 45 -6.97 14.09 -9.28
N LEU D 46 -5.98 14.00 -10.14
CA LEU D 46 -4.66 13.56 -9.74
C LEU D 46 -3.56 14.50 -10.21
N ALA D 47 -2.61 14.84 -9.32
CA ALA D 47 -1.39 15.50 -9.75
C ALA D 47 -0.66 14.47 -10.59
N LEU D 48 0.21 14.91 -11.49
CA LEU D 48 0.97 14.00 -12.35
C LEU D 48 1.91 13.06 -11.62
N SER D 49 2.42 13.50 -10.47
CA SER D 49 3.29 12.67 -9.65
C SER D 49 2.49 11.54 -8.99
N THR D 50 1.28 11.86 -8.48
CA THR D 50 0.33 10.85 -7.97
C THR D 50 -0.12 9.83 -9.07
N ALA D 51 -0.38 10.32 -10.28
CA ALA D 51 -0.78 9.49 -11.40
C ALA D 51 0.31 8.46 -11.70
N ALA D 52 1.59 8.87 -11.63
CA ALA D 52 2.76 7.98 -11.87
C ALA D 52 2.88 6.87 -10.83
N GLU D 53 2.65 7.24 -9.58
CA GLU D 53 2.50 6.34 -8.44
C GLU D 53 1.31 5.35 -8.63
N PHE D 54 0.17 5.87 -9.10
CA PHE D 54 -1.04 5.09 -9.31
C PHE D 54 -0.80 4.04 -10.41
N ARG D 55 -0.20 4.48 -11.51
CA ARG D 55 0.26 3.65 -12.60
C ARG D 55 1.10 2.46 -12.11
N ASP D 56 2.06 2.73 -11.21
CA ASP D 56 2.91 1.68 -10.62
C ASP D 56 2.10 0.70 -9.77
N HIS D 57 1.21 1.20 -8.94
CA HIS D 57 0.34 0.33 -8.19
C HIS D 57 -0.50 -0.58 -9.11
N LEU D 58 -0.92 -0.05 -10.27
CA LEU D 58 -1.83 -0.83 -11.15
C LEU D 58 -1.16 -2.11 -11.66
N SER D 59 0.16 -2.08 -11.89
CA SER D 59 0.91 -3.26 -12.27
C SER D 59 0.82 -4.34 -11.21
N SER D 60 0.99 -3.93 -9.96
CA SER D 60 0.91 -4.82 -8.84
C SER D 60 -0.51 -5.33 -8.57
N PHE D 61 -1.51 -4.46 -8.66
CA PHE D 61 -2.90 -4.89 -8.46
C PHE D 61 -3.32 -5.89 -9.55
N SER D 62 -2.82 -5.68 -10.76
CA SER D 62 -3.06 -6.59 -11.86
C SER D 62 -2.52 -8.02 -11.64
N ASP D 63 -1.26 -8.10 -11.21
CA ASP D 63 -0.62 -9.37 -10.87
CA ASP D 63 -0.60 -9.38 -10.89
C ASP D 63 -1.39 -10.11 -9.78
N TYR D 64 -1.87 -9.37 -8.79
CA TYR D 64 -2.71 -9.95 -7.76
C TYR D 64 -4.03 -10.48 -8.35
N TYR D 65 -4.71 -9.60 -9.08
CA TYR D 65 -5.97 -9.95 -9.74
C TYR D 65 -5.91 -11.24 -10.58
N ALA D 66 -4.86 -11.39 -11.38
CA ALA D 66 -4.66 -12.57 -12.21
C ALA D 66 -4.32 -13.87 -11.45
N SER D 67 -3.91 -13.75 -10.18
CA SER D 67 -3.57 -14.91 -9.35
C SER D 67 -4.80 -15.45 -8.60
N LEU D 68 -5.90 -14.73 -8.65
CA LEU D 68 -7.05 -15.08 -7.82
C LEU D 68 -7.86 -16.32 -8.20
N GLY D 69 -8.04 -16.56 -9.51
CA GLY D 69 -9.02 -17.56 -9.99
C GLY D 69 -10.45 -17.10 -9.72
N PRO D 70 -11.45 -17.95 -10.04
CA PRO D 70 -12.85 -17.58 -9.81
C PRO D 70 -13.24 -17.53 -8.33
N PRO D 71 -14.29 -16.77 -7.96
CA PRO D 71 -14.88 -16.93 -6.62
C PRO D 71 -15.42 -18.37 -6.48
N ASN D 72 -15.91 -18.85 -5.33
CA ASN D 72 -16.12 -18.16 -4.09
C ASN D 72 -16.30 -19.23 -3.04
N ASN D 75 -20.59 -17.15 -2.07
CA ASN D 75 -20.39 -16.60 -0.74
C ASN D 75 -19.80 -15.20 -0.81
N LEU D 76 -20.63 -14.21 -1.12
CA LEU D 76 -20.14 -12.86 -1.31
C LEU D 76 -20.33 -11.95 -0.07
N PRO D 77 -19.89 -12.41 1.13
CA PRO D 77 -20.12 -11.61 2.34
C PRO D 77 -18.93 -10.70 2.75
N GLU D 78 -17.81 -10.82 2.02
CA GLU D 78 -16.59 -10.03 2.29
C GLU D 78 -16.55 -8.81 1.35
N GLY D 80 -15.29 -6.31 2.32
CA GLY D 80 -14.02 -6.97 2.63
C GLY D 80 -12.95 -6.76 1.56
N LYS D 81 -11.78 -6.29 2.00
CA LYS D 81 -10.68 -5.94 1.09
C LYS D 81 -9.78 -7.10 0.65
N LEU D 82 -9.47 -7.16 -0.64
CA LEU D 82 -8.59 -8.20 -1.16
C LEU D 82 -7.14 -7.74 -1.16
N LYS D 83 -6.96 -6.43 -1.32
CA LYS D 83 -5.65 -5.80 -1.39
C LYS D 83 -5.86 -4.30 -1.25
N SER D 84 -4.94 -3.63 -0.57
CA SER D 84 -5.04 -2.19 -0.31
C SER D 84 -3.71 -1.46 -0.48
N GLU D 85 -3.82 -0.24 -1.00
CA GLU D 85 -2.75 0.75 -0.98
C GLU D 85 -3.30 2.13 -0.65
N MET D 86 -2.38 3.03 -0.32
CA MET D 86 -2.73 4.39 0.00
C MET D 86 -1.73 5.29 -0.67
N MET D 87 -2.22 6.36 -1.28
CA MET D 87 -1.32 7.38 -1.84
C MET D 87 -1.58 8.69 -1.13
N ILE D 88 -0.52 9.47 -0.99
CA ILE D 88 -0.52 10.75 -0.29
C ILE D 88 -0.05 11.86 -1.20
N LYS D 89 -0.75 13.00 -1.20
CA LYS D 89 -0.25 14.21 -1.87
C LYS D 89 -0.70 15.45 -1.08
N ASP D 90 0.18 15.98 -0.22
CA ASP D 90 -0.14 17.11 0.68
C ASP D 90 -1.33 16.81 1.62
N TYR D 91 -2.44 17.49 1.37
CA TYR D 91 -3.65 17.34 2.16
CA TYR D 91 -3.65 17.32 2.17
C TYR D 91 -4.59 16.29 1.53
N ARG D 92 -4.19 15.75 0.38
CA ARG D 92 -5.04 14.78 -0.34
C ARG D 92 -4.59 13.34 -0.08
N ARG D 93 -5.53 12.49 0.33
CA ARG D 93 -5.27 11.06 0.46
C ARG D 93 -6.06 10.27 -0.60
N TYR D 94 -5.43 9.21 -1.12
CA TYR D 94 -6.12 8.34 -2.07
C TYR D 94 -6.06 6.87 -1.61
N TYR D 95 -7.22 6.28 -1.37
CA TYR D 95 -7.26 4.86 -0.97
C TYR D 95 -7.60 3.99 -2.19
N LEU D 96 -6.71 3.06 -2.50
CA LEU D 96 -6.86 2.05 -3.57
C LEU D 96 -7.22 0.69 -2.94
N ASP D 97 -8.50 0.31 -3.03
CA ASP D 97 -8.98 -0.95 -2.48
C ASP D 97 -9.56 -1.87 -3.56
N LEU D 98 -8.85 -2.96 -3.86
CA LEU D 98 -9.42 -4.03 -4.69
C LEU D 98 -10.52 -4.77 -3.92
N LYS D 99 -11.76 -4.56 -4.31
CA LYS D 99 -12.90 -5.16 -3.64
C LYS D 99 -13.62 -6.14 -4.55
N GLU D 100 -14.69 -6.72 -4.03
CA GLU D 100 -15.48 -7.69 -4.73
C GLU D 100 -16.94 -7.51 -4.39
N ASN D 101 -17.82 -7.74 -5.38
CA ASN D 101 -19.29 -7.79 -5.17
C ASN D 101 -20.00 -8.76 -6.13
N ALA D 102 -21.33 -8.64 -6.24
CA ALA D 102 -22.17 -9.52 -7.07
C ALA D 102 -21.75 -9.52 -8.54
N ARG D 103 -21.25 -8.36 -8.99
CA ARG D 103 -20.98 -8.10 -10.40
C ARG D 103 -19.53 -8.37 -10.74
N GLY D 104 -18.69 -8.61 -9.75
CA GLY D 104 -17.29 -8.90 -10.03
C GLY D 104 -16.30 -8.20 -9.13
N ARG D 105 -15.07 -8.14 -9.59
CA ARG D 105 -13.99 -7.49 -8.87
C ARG D 105 -13.76 -6.08 -9.40
N PHE D 106 -13.46 -5.15 -8.49
CA PHE D 106 -13.16 -3.78 -8.91
C PHE D 106 -12.20 -3.05 -8.00
N LEU D 107 -11.42 -2.16 -8.57
CA LEU D 107 -10.57 -1.32 -7.79
C LEU D 107 -11.28 -0.02 -7.44
N ARG D 108 -11.67 0.11 -6.17
CA ARG D 108 -12.20 1.38 -5.69
C ARG D 108 -11.09 2.38 -5.43
N VAL D 109 -11.23 3.56 -6.04
CA VAL D 109 -10.29 4.63 -5.72
C VAL D 109 -10.98 5.87 -5.14
N SER D 110 -10.65 6.12 -3.88
CA SER D 110 -11.29 7.15 -3.05
C SER D 110 -10.34 8.28 -2.79
N GLN D 111 -10.81 9.48 -3.11
CA GLN D 111 -10.05 10.71 -2.87
C GLN D 111 -10.67 11.45 -1.68
N THR D 112 -9.84 11.79 -0.70
CA THR D 112 -10.31 12.54 0.47
C THR D 112 -9.37 13.71 0.68
N ILE D 113 -9.97 14.87 0.94
CA ILE D 113 -9.22 16.06 1.33
C ILE D 113 -9.45 16.20 2.83
N THR D 114 -8.38 15.93 3.58
CA THR D 114 -8.46 15.84 5.04
C THR D 114 -8.71 17.24 5.59
N ARG D 115 -9.13 17.29 6.86
CA ARG D 115 -9.37 18.56 7.54
C ARG D 115 -10.53 19.36 6.90
N GLY D 116 -11.58 18.68 6.45
CA GLY D 116 -12.82 19.36 6.04
C GLY D 116 -13.24 19.33 4.57
N GLY D 117 -12.39 18.75 3.71
CA GLY D 117 -12.58 18.87 2.26
C GLY D 117 -13.67 18.00 1.62
N PRO D 118 -13.82 18.10 0.28
CA PRO D 118 -14.70 17.18 -0.47
C PRO D 118 -14.11 15.76 -0.62
N ARG D 119 -15.01 14.78 -0.68
CA ARG D 119 -14.68 13.37 -0.96
C ARG D 119 -15.24 12.95 -2.34
N SER D 120 -14.63 11.95 -2.98
CA SER D 120 -15.21 11.31 -4.18
C SER D 120 -14.45 10.05 -4.59
N GLN D 121 -15.07 9.27 -5.47
CA GLN D 121 -14.53 8.00 -5.84
C GLN D 121 -14.87 7.59 -7.28
N ILE D 122 -14.05 6.70 -7.84
CA ILE D 122 -14.40 5.91 -9.03
C ILE D 122 -14.22 4.39 -8.71
N ALA D 123 -14.93 3.54 -9.44
CA ALA D 123 -14.84 2.10 -9.27
C ALA D 123 -14.48 1.47 -10.58
N LEU D 124 -13.23 1.03 -10.67
CA LEU D 124 -12.60 0.54 -11.91
C LEU D 124 -12.74 -0.99 -11.95
N PRO D 125 -13.57 -1.54 -12.86
CA PRO D 125 -13.61 -3.03 -12.92
C PRO D 125 -12.19 -3.55 -13.07
N ALA D 126 -11.85 -4.58 -12.30
CA ALA D 126 -10.49 -5.14 -12.31
C ALA D 126 -10.00 -5.54 -13.70
N GLN D 127 -10.89 -6.07 -14.55
CA GLN D 127 -10.52 -6.42 -15.95
C GLN D 127 -9.94 -5.25 -16.78
N GLY D 128 -10.16 -4.02 -16.34
CA GLY D 128 -9.65 -2.85 -17.08
C GLY D 128 -8.37 -2.27 -16.52
N MET D 129 -7.78 -2.88 -15.48
CA MET D 129 -6.58 -2.29 -14.82
C MET D 129 -5.37 -2.09 -15.71
N ILE D 130 -5.08 -3.07 -16.54
CA ILE D 130 -4.00 -2.94 -17.51
C ILE D 130 -4.27 -1.83 -18.56
N GLU D 131 -5.52 -1.73 -19.03
CA GLU D 131 -5.85 -0.69 -20.02
C GLU D 131 -5.69 0.70 -19.37
N PHE D 132 -6.14 0.83 -18.13
CA PHE D 132 -6.01 2.09 -17.41
C PHE D 132 -4.53 2.43 -17.19
N ARG D 133 -3.78 1.45 -16.68
CA ARG D 133 -2.32 1.58 -16.55
C ARG D 133 -1.60 2.03 -17.79
N ASP D 134 -1.83 1.35 -18.90
CA ASP D 134 -1.25 1.75 -20.19
C ASP D 134 -1.67 3.12 -20.68
N ALA D 135 -2.95 3.48 -20.53
CA ALA D 135 -3.38 4.85 -20.85
C ALA D 135 -2.60 5.90 -20.02
N LEU D 136 -2.46 5.67 -18.71
CA LEU D 136 -1.69 6.56 -17.89
C LEU D 136 -0.22 6.65 -18.31
N THR D 137 0.37 5.51 -18.62
CA THR D 137 1.77 5.48 -19.01
C THR D 137 2.02 6.36 -20.20
N ASP D 138 1.13 6.36 -21.17
CA ASP D 138 1.47 7.16 -22.33
C ASP D 138 1.06 8.64 -22.24
N LEU D 139 0.04 8.96 -21.44
CA LEU D 139 -0.16 10.36 -21.08
C LEU D 139 1.06 10.89 -20.30
N LEU D 140 1.57 10.10 -19.36
CA LEU D 140 2.72 10.51 -18.56
C LEU D 140 4.04 10.66 -19.35
N GLU D 141 4.28 9.77 -20.32
CA GLU D 141 5.53 9.84 -21.08
CA GLU D 141 5.51 9.83 -21.11
C GLU D 141 5.57 11.16 -21.84
N GLU D 142 4.41 11.59 -22.36
CA GLU D 142 4.26 12.81 -23.16
C GLU D 142 4.16 14.14 -22.40
N PHE D 143 3.55 14.14 -21.23
CA PHE D 143 3.17 15.41 -20.60
C PHE D 143 3.64 15.46 -19.18
N GLY D 144 4.46 14.49 -18.80
CA GLY D 144 5.07 14.46 -17.49
C GLY D 144 6.57 14.67 -17.58
#